data_6DY0
#
_entry.id   6DY0
#
_cell.length_a   157.871
_cell.length_b   157.871
_cell.length_c   157.871
_cell.angle_alpha   90.00
_cell.angle_beta   90.00
_cell.angle_gamma   90.00
#
_symmetry.space_group_name_H-M   'P 43 3 2'
#
loop_
_entity.id
_entity.type
_entity.pdbx_description
1 polymer 'N-acylethanolamine acid amidase alpha-subunit'
2 polymer 'N-acylethanolamine acid amidase beta-subunit'
3 non-polymer 2-acetamido-2-deoxy-beta-D-glucopyranose
4 non-polymer 'CHLORIDE ION'
5 non-polymer 2-{2-[4-(1,1,3,3-TETRAMETHYLBUTYL)PHENOXY]ETHOXY}ETHANOL
6 non-polymer '(2S)-3-amino-2-{[(4-cyclohexylbutoxy)carbonyl]amino}propanethioic S-acid'
7 water water
#
loop_
_entity_poly.entity_id
_entity_poly.type
_entity_poly.pdbx_seq_one_letter_code
_entity_poly.pdbx_strand_id
1 'polypeptide(L)'
;DRHHHHHHKLSTPGPPLFNVSLDVAPELRWLPVLRHYDVELVRAAVAQVIGDRVPKWVLALIEKGALKLERLLPPPFTAE
IRGMCDFLNLSLADGLLVNLAYEYSAF
;
A
2 'polypeptide(L)'
;CTSIVAQDSRGHVYHGRNLDYPYGSILRKLTVDVQFLKNGQIAFTGTTFIGYVGLWTGQSPHKFTVSGDERDRGWWWENL
VAALFLRHSPISWLLRTTLSEAESFEAAVYRLAKTPLIADVYYIVGGTNPREGVVITRNRDGPADIWPLDPLKGVWFLVE
TNYDHWKPAPEEDDRRTPAIKALNATGQAKLSLETLFQVLSVVPVYNNYTIYTTVMSAASPDKYMTRIRNPS
;
B
#
loop_
_chem_comp.id
_chem_comp.type
_chem_comp.name
_chem_comp.formula
CL non-polymer 'CHLORIDE ION' 'Cl -1'
HJA non-polymer '(2S)-3-amino-2-{[(4-cyclohexylbutoxy)carbonyl]amino}propanethioic S-acid' 'C14 H26 N2 O3 S'
NAG D-saccharide, beta linking 2-acetamido-2-deoxy-beta-D-glucopyranose 'C8 H15 N O6'
TON non-polymer 2-{2-[4-(1,1,3,3-TETRAMETHYLBUTYL)PHENOXY]ETHOXY}ETHANOL 'C18 H30 O3'
#
# COMPACT_ATOMS: atom_id res chain seq x y z
N PRO A 13 18.88 7.79 7.46
CA PRO A 13 18.71 6.41 7.92
C PRO A 13 17.40 5.78 7.46
N GLY A 14 16.28 6.34 7.91
CA GLY A 14 14.98 5.81 7.58
C GLY A 14 14.71 4.51 8.32
N PRO A 15 13.63 3.82 7.95
CA PRO A 15 13.29 2.57 8.62
C PRO A 15 14.27 1.46 8.26
N PRO A 16 14.27 0.36 9.00
CA PRO A 16 15.19 -0.74 8.66
C PRO A 16 14.92 -1.27 7.27
N LEU A 17 15.97 -1.85 6.67
CA LEU A 17 15.89 -2.44 5.34
C LEU A 17 16.21 -3.93 5.44
N PHE A 18 15.31 -4.76 4.91
CA PHE A 18 15.48 -6.20 4.92
C PHE A 18 15.36 -6.75 3.50
N ASN A 19 15.83 -7.98 3.33
CA ASN A 19 15.71 -8.71 2.08
C ASN A 19 14.79 -9.91 2.28
N VAL A 20 13.99 -10.22 1.27
CA VAL A 20 13.07 -11.35 1.29
C VAL A 20 13.21 -12.06 -0.05
N SER A 21 13.90 -13.20 -0.06
CA SER A 21 14.13 -13.93 -1.29
C SER A 21 12.89 -14.74 -1.66
N LEU A 22 12.27 -14.40 -2.78
CA LEU A 22 11.17 -15.19 -3.30
C LEU A 22 11.60 -16.53 -3.85
N ASP A 23 12.89 -16.84 -3.80
CA ASP A 23 13.39 -18.16 -4.16
C ASP A 23 13.29 -19.15 -3.01
N VAL A 24 12.81 -18.72 -1.85
CA VAL A 24 12.59 -19.60 -0.70
C VAL A 24 11.10 -19.82 -0.56
N ALA A 25 10.73 -21.02 -0.11
CA ALA A 25 9.33 -21.40 0.02
C ALA A 25 8.56 -20.31 0.75
N PRO A 26 7.27 -20.12 0.45
CA PRO A 26 6.53 -19.01 1.06
C PRO A 26 6.58 -18.97 2.57
N GLU A 27 6.49 -20.13 3.23
CA GLU A 27 6.40 -20.14 4.69
C GLU A 27 7.72 -19.77 5.35
N LEU A 28 8.84 -19.90 4.65
CA LEU A 28 10.16 -19.68 5.24
C LEU A 28 10.77 -18.32 4.91
N ARG A 29 10.28 -17.63 3.88
CA ARG A 29 11.01 -16.49 3.33
C ARG A 29 10.97 -15.28 4.26
N TRP A 30 9.94 -15.15 5.08
CA TRP A 30 9.81 -13.99 5.96
C TRP A 30 10.50 -14.17 7.31
N LEU A 31 11.01 -15.36 7.61
CA LEU A 31 11.43 -15.70 8.96
C LEU A 31 12.77 -15.04 9.33
N PRO A 32 13.76 -15.01 8.44
CA PRO A 32 15.00 -14.32 8.78
C PRO A 32 14.80 -12.89 9.23
N VAL A 33 13.71 -12.25 8.80
CA VAL A 33 13.42 -10.89 9.26
C VAL A 33 12.93 -10.91 10.70
N LEU A 34 12.03 -11.83 11.03
CA LEU A 34 11.42 -11.86 12.35
C LEU A 34 12.45 -12.10 13.45
N ARG A 35 13.64 -12.60 13.12
CA ARG A 35 14.68 -12.78 14.13
C ARG A 35 15.03 -11.44 14.78
N HIS A 36 14.93 -10.34 14.03
CA HIS A 36 15.31 -9.02 14.52
C HIS A 36 14.23 -8.36 15.36
N TYR A 37 13.11 -9.02 15.59
CA TYR A 37 11.98 -8.41 16.29
C TYR A 37 11.57 -9.25 17.49
N ASP A 38 11.29 -8.58 18.60
CA ASP A 38 10.83 -9.25 19.80
C ASP A 38 9.50 -9.94 19.53
N VAL A 39 9.49 -11.26 19.65
CA VAL A 39 8.30 -12.08 19.40
C VAL A 39 7.16 -11.58 20.28
N GLU A 40 7.50 -10.88 21.36
CA GLU A 40 6.46 -10.38 22.25
C GLU A 40 5.87 -9.06 21.74
N LEU A 41 6.73 -8.12 21.34
CA LEU A 41 6.22 -6.85 20.80
C LEU A 41 5.23 -7.11 19.67
N VAL A 42 5.58 -7.97 18.72
CA VAL A 42 4.71 -8.25 17.59
C VAL A 42 3.40 -8.88 18.09
N ARG A 43 3.52 -9.94 18.90
CA ARG A 43 2.33 -10.64 19.37
C ARG A 43 1.46 -9.74 20.24
N ALA A 44 2.06 -9.09 21.23
CA ALA A 44 1.29 -8.18 22.08
C ALA A 44 0.66 -7.07 21.25
N ALA A 45 1.37 -6.61 20.21
CA ALA A 45 0.82 -5.57 19.34
C ALA A 45 -0.45 -6.04 18.66
N VAL A 46 -0.45 -7.27 18.14
CA VAL A 46 -1.63 -7.79 17.46
C VAL A 46 -2.85 -7.73 18.37
N ALA A 47 -2.71 -8.21 19.60
CA ALA A 47 -3.83 -8.24 20.52
C ALA A 47 -4.47 -6.87 20.69
N GLN A 48 -3.67 -5.80 20.56
CA GLN A 48 -4.22 -4.46 20.71
C GLN A 48 -5.02 -4.06 19.48
N VAL A 49 -4.58 -4.48 18.29
CA VAL A 49 -5.33 -4.21 17.07
C VAL A 49 -6.54 -5.13 16.98
N ILE A 50 -6.49 -6.29 17.61
CA ILE A 50 -7.56 -7.28 17.53
C ILE A 50 -8.55 -7.05 18.67
N GLY A 51 -8.08 -7.23 19.90
CA GLY A 51 -8.98 -7.26 21.03
C GLY A 51 -9.94 -6.09 21.11
N ASP A 52 -9.52 -4.92 20.64
CA ASP A 52 -10.29 -3.70 20.82
C ASP A 52 -11.31 -3.46 19.71
N ARG A 53 -11.26 -4.22 18.62
CA ARG A 53 -12.13 -3.96 17.47
C ARG A 53 -12.94 -5.16 17.00
N VAL A 54 -12.64 -6.38 17.45
CA VAL A 54 -13.39 -7.55 16.99
C VAL A 54 -13.81 -8.38 18.20
N PRO A 55 -15.09 -8.76 18.32
CA PRO A 55 -15.48 -9.71 19.37
C PRO A 55 -14.90 -11.09 19.13
N LYS A 56 -14.90 -11.89 20.20
CA LYS A 56 -14.25 -13.20 20.14
C LYS A 56 -15.01 -14.15 19.21
N TRP A 57 -16.34 -14.20 19.34
CA TRP A 57 -17.12 -15.13 18.53
C TRP A 57 -16.78 -14.99 17.04
N VAL A 58 -16.59 -13.76 16.57
CA VAL A 58 -16.04 -13.57 15.23
C VAL A 58 -14.68 -14.23 15.13
N LEU A 59 -13.81 -13.96 16.10
CA LEU A 59 -12.51 -14.62 16.13
C LEU A 59 -12.66 -16.13 16.23
N ALA A 60 -13.65 -16.60 16.98
CA ALA A 60 -13.92 -18.03 17.07
C ALA A 60 -14.49 -18.55 15.75
N LEU A 61 -15.49 -17.85 15.21
CA LEU A 61 -16.01 -18.21 13.89
C LEU A 61 -14.88 -18.33 12.88
N ILE A 62 -13.96 -17.38 12.88
CA ILE A 62 -12.80 -17.45 11.99
C ILE A 62 -11.95 -18.66 12.34
N GLU A 63 -11.49 -18.73 13.58
CA GLU A 63 -10.64 -19.83 14.01
C GLU A 63 -11.23 -21.18 13.60
N LYS A 64 -12.51 -21.39 13.89
CA LYS A 64 -13.15 -22.65 13.53
C LYS A 64 -13.15 -22.86 12.02
N GLY A 65 -13.45 -21.81 11.26
CA GLY A 65 -13.45 -21.87 9.82
C GLY A 65 -12.21 -21.31 9.15
N ALA A 66 -11.20 -20.90 9.93
CA ALA A 66 -10.01 -20.31 9.35
C ALA A 66 -9.32 -21.27 8.38
N LEU A 67 -9.30 -22.56 8.72
CA LEU A 67 -8.57 -23.52 7.90
C LEU A 67 -9.29 -23.81 6.59
N LYS A 68 -10.61 -23.61 6.53
CA LYS A 68 -11.32 -23.64 5.26
C LYS A 68 -11.29 -22.30 4.55
N LEU A 69 -11.20 -21.21 5.30
CA LEU A 69 -11.11 -19.88 4.69
C LEU A 69 -9.80 -19.73 3.91
N GLU A 70 -8.68 -20.08 4.51
CA GLU A 70 -7.40 -19.98 3.83
C GLU A 70 -7.36 -20.83 2.56
N ARG A 71 -8.28 -21.78 2.41
CA ARG A 71 -8.36 -22.55 1.18
C ARG A 71 -8.77 -21.66 0.00
N LEU A 72 -9.48 -20.58 0.26
CA LEU A 72 -9.97 -19.70 -0.80
C LEU A 72 -8.94 -18.65 -1.19
N LEU A 73 -8.30 -18.01 -0.21
CA LEU A 73 -7.33 -16.97 -0.51
C LEU A 73 -6.19 -17.53 -1.35
N PRO A 74 -5.45 -16.67 -2.05
CA PRO A 74 -4.32 -17.13 -2.86
C PRO A 74 -3.38 -17.99 -2.03
N PRO A 75 -2.86 -19.08 -2.60
CA PRO A 75 -1.97 -19.96 -1.84
C PRO A 75 -0.79 -19.20 -1.24
N PRO A 76 -0.05 -18.43 -2.06
CA PRO A 76 1.15 -17.77 -1.50
C PRO A 76 0.81 -16.70 -0.47
N PHE A 77 -0.39 -16.12 -0.56
CA PHE A 77 -0.81 -15.14 0.45
C PHE A 77 -0.87 -15.77 1.82
N THR A 78 -1.57 -16.89 1.95
CA THR A 78 -1.74 -17.52 3.25
C THR A 78 -0.48 -18.24 3.71
N ALA A 79 0.21 -18.92 2.79
CA ALA A 79 1.40 -19.67 3.16
C ALA A 79 2.40 -18.80 3.89
N GLU A 80 2.61 -17.57 3.42
CA GLU A 80 3.54 -16.67 4.09
C GLU A 80 3.02 -16.29 5.47
N ILE A 81 1.71 -16.09 5.60
CA ILE A 81 1.14 -15.76 6.90
C ILE A 81 1.23 -16.96 7.84
N ARG A 82 0.91 -18.15 7.34
CA ARG A 82 0.99 -19.34 8.17
C ARG A 82 2.38 -19.50 8.79
N GLY A 83 3.42 -19.37 7.96
CA GLY A 83 4.77 -19.54 8.47
C GLY A 83 5.13 -18.53 9.54
N MET A 84 4.68 -17.29 9.37
CA MET A 84 4.97 -16.27 10.39
C MET A 84 4.24 -16.55 11.69
N CYS A 85 3.01 -17.06 11.59
CA CYS A 85 2.23 -17.31 12.80
C CYS A 85 2.75 -18.52 13.57
N ASP A 86 3.34 -19.50 12.86
CA ASP A 86 3.96 -20.63 13.56
C ASP A 86 5.25 -20.21 14.23
N PHE A 87 6.09 -19.46 13.53
CA PHE A 87 7.34 -18.97 14.11
C PHE A 87 7.06 -18.06 15.30
N LEU A 88 6.15 -17.10 15.14
CA LEU A 88 5.79 -16.18 16.21
C LEU A 88 4.88 -16.82 17.25
N ASN A 89 4.27 -17.96 16.95
CA ASN A 89 3.35 -18.62 17.87
C ASN A 89 2.03 -17.83 17.96
N LEU A 90 1.59 -17.30 16.84
CA LEU A 90 0.31 -16.63 16.71
C LEU A 90 -0.74 -17.59 16.18
N SER A 91 -1.99 -17.32 16.52
CA SER A 91 -3.09 -18.08 15.93
C SER A 91 -3.29 -17.64 14.50
N LEU A 92 -3.51 -18.61 13.62
CA LEU A 92 -3.66 -18.28 12.19
C LEU A 92 -4.84 -17.35 11.96
N ALA A 93 -5.88 -17.44 12.79
CA ALA A 93 -6.99 -16.50 12.69
C ALA A 93 -6.53 -15.07 12.94
N ASP A 94 -5.70 -14.88 13.97
CA ASP A 94 -5.11 -13.56 14.20
C ASP A 94 -4.27 -13.11 13.02
N GLY A 95 -3.61 -14.05 12.34
CA GLY A 95 -2.81 -13.68 11.19
C GLY A 95 -3.66 -13.20 10.03
N LEU A 96 -4.66 -13.99 9.65
CA LEU A 96 -5.53 -13.59 8.54
C LEU A 96 -6.36 -12.36 8.88
N LEU A 97 -6.57 -12.07 10.15
CA LEU A 97 -7.39 -10.92 10.53
C LEU A 97 -6.66 -9.60 10.32
N VAL A 98 -5.34 -9.58 10.46
CA VAL A 98 -4.60 -8.34 10.27
C VAL A 98 -4.23 -8.12 8.80
N ASN A 99 -3.99 -9.19 8.04
CA ASN A 99 -3.66 -9.05 6.63
C ASN A 99 -4.87 -8.73 5.78
N LEU A 100 -6.05 -9.19 6.19
CA LEU A 100 -7.31 -8.80 5.56
C LEU A 100 -8.02 -7.71 6.35
N ALA A 101 -7.28 -6.92 7.12
CA ALA A 101 -7.90 -5.88 7.93
C ALA A 101 -8.53 -4.80 7.07
N TYR A 102 -7.84 -4.37 6.01
CA TYR A 102 -8.43 -3.40 5.10
C TYR A 102 -9.71 -3.93 4.49
N GLU A 103 -9.65 -5.13 3.91
CA GLU A 103 -10.81 -5.74 3.28
C GLU A 103 -11.94 -5.99 4.27
N TYR A 104 -11.67 -5.93 5.57
CA TYR A 104 -12.67 -6.17 6.60
C TYR A 104 -13.50 -4.94 6.93
N SER A 105 -12.99 -3.74 6.65
CA SER A 105 -13.65 -2.51 7.09
C SER A 105 -13.72 -1.45 5.99
N ALA A 106 -13.57 -1.83 4.73
CA ALA A 106 -13.58 -0.90 3.61
C ALA A 106 -14.89 -1.08 2.85
N PHE A 107 -15.89 -0.29 3.22
CA PHE A 107 -17.18 -0.31 2.53
C PHE A 107 -18.02 0.90 2.92
N CYS B 1 -4.77 9.04 3.92
CA CYS B 1 -3.55 8.84 3.15
C CYS B 1 -3.55 9.78 1.98
N THR B 2 -2.37 10.08 1.44
CA THR B 2 -2.24 11.02 0.34
C THR B 2 -1.17 10.51 -0.62
N SER B 3 -1.57 10.26 -1.86
CA SER B 3 -0.65 9.83 -2.92
C SER B 3 -0.56 10.93 -3.97
N ILE B 4 0.66 11.20 -4.43
CA ILE B 4 0.92 12.24 -5.40
C ILE B 4 1.87 11.70 -6.46
N VAL B 5 1.45 11.75 -7.72
CA VAL B 5 2.33 11.52 -8.86
C VAL B 5 2.40 12.82 -9.64
N ALA B 6 3.61 13.23 -10.01
CA ALA B 6 3.80 14.53 -10.63
C ALA B 6 5.00 14.48 -11.56
N GLN B 7 5.00 15.38 -12.53
CA GLN B 7 6.06 15.49 -13.52
C GLN B 7 6.71 16.87 -13.43
N ASP B 8 8.02 16.92 -13.68
CA ASP B 8 8.77 18.16 -13.58
C ASP B 8 9.02 18.72 -14.99
N SER B 9 9.70 19.86 -15.03
CA SER B 9 9.90 20.56 -16.30
C SER B 9 10.81 19.77 -17.24
N ARG B 10 11.70 18.96 -16.70
CA ARG B 10 12.68 18.24 -17.51
C ARG B 10 12.17 16.88 -17.99
N GLY B 11 10.92 16.54 -17.70
CA GLY B 11 10.33 15.30 -18.16
C GLY B 11 10.36 14.15 -17.17
N HIS B 12 10.89 14.37 -15.97
CA HIS B 12 10.98 13.30 -14.98
C HIS B 12 9.65 13.15 -14.24
N VAL B 13 9.38 11.91 -13.81
CA VAL B 13 8.15 11.57 -13.10
C VAL B 13 8.52 11.16 -11.68
N TYR B 14 7.83 11.74 -10.70
CA TYR B 14 8.07 11.46 -9.30
C TYR B 14 6.78 10.97 -8.65
N HIS B 15 6.92 10.06 -7.69
CA HIS B 15 5.79 9.50 -6.95
C HIS B 15 6.08 9.60 -5.47
N GLY B 16 5.13 10.18 -4.73
CA GLY B 16 5.24 10.25 -3.28
C GLY B 16 3.91 9.93 -2.65
N ARG B 17 3.97 9.54 -1.37
CA ARG B 17 2.77 9.11 -0.68
C ARG B 17 2.92 9.31 0.82
N ASN B 18 1.78 9.40 1.49
CA ASN B 18 1.68 9.36 2.94
C ASN B 18 0.77 8.21 3.34
N LEU B 19 0.99 7.69 4.55
CA LEU B 19 0.15 6.61 5.08
C LEU B 19 -0.29 7.01 6.48
N ASP B 20 -1.59 7.27 6.64
CA ASP B 20 -2.17 7.60 7.93
C ASP B 20 -2.97 6.41 8.45
N TYR B 21 -2.82 6.12 9.73
CA TYR B 21 -3.52 4.98 10.32
C TYR B 21 -3.44 5.05 11.84
N PRO B 22 -4.51 4.70 12.56
CA PRO B 22 -4.42 4.65 14.03
C PRO B 22 -3.39 3.64 14.51
N TYR B 23 -3.29 3.46 15.82
CA TYR B 23 -2.30 2.55 16.41
C TYR B 23 -0.89 2.89 15.93
N GLY B 24 -0.63 4.19 15.79
CA GLY B 24 0.65 4.61 15.22
C GLY B 24 1.83 4.22 16.08
N SER B 25 1.72 4.41 17.40
CA SER B 25 2.85 4.12 18.29
C SER B 25 3.39 2.72 18.08
N ILE B 26 2.57 1.80 17.59
CA ILE B 26 3.00 0.43 17.33
C ILE B 26 3.59 0.29 15.93
N LEU B 27 2.84 0.71 14.91
CA LEU B 27 3.25 0.45 13.54
C LEU B 27 4.55 1.16 13.19
N ARG B 28 4.83 2.30 13.84
CA ARG B 28 6.09 3.00 13.56
C ARG B 28 7.29 2.16 13.95
N LYS B 29 7.17 1.37 15.02
CA LYS B 29 8.26 0.49 15.42
C LYS B 29 8.36 -0.75 14.54
N LEU B 30 7.29 -1.09 13.83
CA LEU B 30 7.25 -2.27 12.98
C LEU B 30 7.36 -1.96 11.50
N THR B 31 7.50 -0.69 11.13
CA THR B 31 7.59 -0.31 9.72
C THR B 31 8.99 -0.62 9.19
N VAL B 32 9.06 -1.16 7.98
CA VAL B 32 10.32 -1.56 7.38
C VAL B 32 10.23 -1.41 5.87
N ASP B 33 11.39 -1.16 5.25
CA ASP B 33 11.53 -1.29 3.81
C ASP B 33 12.03 -2.69 3.50
N VAL B 34 11.47 -3.29 2.46
CA VAL B 34 11.78 -4.67 2.09
C VAL B 34 12.16 -4.71 0.62
N GLN B 35 13.25 -5.41 0.32
CA GLN B 35 13.68 -5.64 -1.05
C GLN B 35 13.47 -7.12 -1.38
N PHE B 36 12.57 -7.39 -2.32
CA PHE B 36 12.20 -8.76 -2.66
C PHE B 36 13.10 -9.24 -3.78
N LEU B 37 13.92 -10.24 -3.49
CA LEU B 37 14.94 -10.70 -4.42
C LEU B 37 14.43 -11.88 -5.24
N LYS B 38 14.73 -11.85 -6.54
CA LYS B 38 14.61 -13.01 -7.40
C LYS B 38 15.99 -13.33 -7.95
N ASN B 39 16.44 -14.57 -7.76
CA ASN B 39 17.74 -15.00 -8.23
C ASN B 39 18.83 -14.06 -7.71
N GLY B 40 18.66 -13.60 -6.47
CA GLY B 40 19.62 -12.72 -5.84
C GLY B 40 19.54 -11.27 -6.25
N GLN B 41 18.86 -10.96 -7.34
CA GLN B 41 18.75 -9.59 -7.84
C GLN B 41 17.41 -9.00 -7.42
N ILE B 42 17.43 -7.71 -7.07
CA ILE B 42 16.23 -7.04 -6.60
C ILE B 42 15.17 -7.07 -7.69
N ALA B 43 13.96 -7.48 -7.32
CA ALA B 43 12.82 -7.47 -8.23
C ALA B 43 11.88 -6.31 -7.96
N PHE B 44 11.79 -5.85 -6.72
CA PHE B 44 11.02 -4.66 -6.38
C PHE B 44 11.27 -4.34 -4.91
N THR B 45 10.86 -3.13 -4.53
CA THR B 45 11.05 -2.62 -3.18
C THR B 45 9.70 -2.17 -2.65
N GLY B 46 9.51 -2.33 -1.34
CA GLY B 46 8.24 -1.99 -0.73
C GLY B 46 8.40 -1.59 0.71
N THR B 47 7.38 -0.91 1.22
CA THR B 47 7.30 -0.48 2.60
C THR B 47 6.11 -1.15 3.25
N THR B 48 6.36 -1.93 4.30
CA THR B 48 5.30 -2.69 4.95
C THR B 48 5.59 -2.77 6.45
N PHE B 49 4.66 -3.38 7.18
CA PHE B 49 4.79 -3.62 8.60
C PHE B 49 5.01 -5.10 8.85
N ILE B 50 5.85 -5.42 9.84
CA ILE B 50 6.13 -6.81 10.15
C ILE B 50 4.83 -7.55 10.43
N GLY B 51 4.62 -8.64 9.71
CA GLY B 51 3.40 -9.41 9.79
C GLY B 51 2.45 -9.20 8.62
N TYR B 52 2.59 -8.08 7.91
CA TYR B 52 1.78 -7.78 6.74
C TYR B 52 2.56 -8.18 5.50
N VAL B 53 1.99 -9.10 4.72
CA VAL B 53 2.67 -9.58 3.51
C VAL B 53 2.31 -8.77 2.28
N GLY B 54 1.19 -8.05 2.30
CA GLY B 54 0.85 -7.17 1.21
C GLY B 54 1.67 -5.89 1.24
N LEU B 55 1.61 -5.16 0.12
CA LEU B 55 2.32 -3.89 -0.02
C LEU B 55 1.33 -2.80 -0.36
N TRP B 56 1.41 -1.68 0.35
CA TRP B 56 0.66 -0.48 0.02
C TRP B 56 1.53 0.59 -0.60
N THR B 57 2.81 0.29 -0.84
CA THR B 57 3.75 1.25 -1.42
C THR B 57 4.91 0.47 -1.97
N GLY B 58 5.15 0.56 -3.28
CA GLY B 58 6.18 -0.24 -3.90
C GLY B 58 6.81 0.43 -5.09
N GLN B 59 7.80 -0.24 -5.66
CA GLN B 59 8.58 0.30 -6.76
C GLN B 59 9.20 -0.87 -7.52
N SER B 60 8.78 -1.06 -8.77
CA SER B 60 9.47 -1.97 -9.66
C SER B 60 10.57 -1.19 -10.36
N PRO B 61 11.84 -1.48 -10.15
CA PRO B 61 12.90 -0.58 -10.64
C PRO B 61 12.88 -0.45 -12.15
N HIS B 62 12.90 0.79 -12.63
CA HIS B 62 12.96 1.09 -14.05
C HIS B 62 11.72 0.57 -14.79
N LYS B 63 10.57 0.60 -14.13
CA LYS B 63 9.32 0.18 -14.77
C LYS B 63 8.15 1.03 -14.30
N PHE B 64 7.93 1.09 -12.99
CA PHE B 64 6.83 1.89 -12.47
C PHE B 64 6.89 1.88 -10.94
N THR B 65 6.03 2.71 -10.35
CA THR B 65 5.86 2.79 -8.90
C THR B 65 4.37 2.92 -8.61
N VAL B 66 3.90 2.21 -7.59
CA VAL B 66 2.48 2.14 -7.29
C VAL B 66 2.27 2.35 -5.79
N SER B 67 1.11 2.93 -5.46
CA SER B 67 0.68 3.11 -4.08
C SER B 67 -0.83 3.01 -4.04
N GLY B 68 -1.37 2.83 -2.86
CA GLY B 68 -2.80 2.59 -2.69
C GLY B 68 -3.40 3.45 -1.59
N ASP B 69 -4.62 3.93 -1.85
CA ASP B 69 -5.38 4.71 -0.88
C ASP B 69 -6.77 4.11 -0.75
N GLU B 70 -7.35 4.25 0.44
CA GLU B 70 -8.60 3.59 0.76
C GLU B 70 -9.79 4.27 0.09
N ARG B 71 -10.71 3.46 -0.42
CA ARG B 71 -11.95 3.94 -1.02
C ARG B 71 -13.10 3.17 -0.38
N ASP B 72 -13.90 3.86 0.44
CA ASP B 72 -14.98 3.24 1.19
C ASP B 72 -16.29 3.47 0.45
N ARG B 73 -16.66 2.49 -0.39
CA ARG B 73 -17.95 2.49 -1.05
C ARG B 73 -18.53 1.08 -0.98
N GLY B 74 -19.82 0.98 -1.27
CA GLY B 74 -20.50 -0.29 -1.24
C GLY B 74 -21.08 -0.61 0.13
N TRP B 75 -21.48 -1.86 0.27
CA TRP B 75 -22.05 -2.37 1.52
C TRP B 75 -21.16 -3.44 2.10
N TRP B 76 -21.29 -3.64 3.41
CA TRP B 76 -20.39 -4.55 4.12
C TRP B 76 -20.42 -5.94 3.51
N TRP B 77 -21.59 -6.38 3.04
CA TRP B 77 -21.72 -7.74 2.53
C TRP B 77 -21.13 -7.91 1.13
N GLU B 78 -20.81 -6.82 0.44
CA GLU B 78 -20.13 -6.95 -0.85
C GLU B 78 -18.76 -7.58 -0.67
N ASN B 79 -17.98 -7.10 0.31
CA ASN B 79 -16.67 -7.67 0.55
C ASN B 79 -16.76 -9.15 0.91
N LEU B 80 -17.79 -9.54 1.64
CA LEU B 80 -17.94 -10.94 2.02
C LEU B 80 -18.17 -11.81 0.80
N VAL B 81 -19.17 -11.46 -0.01
CA VAL B 81 -19.49 -12.26 -1.19
C VAL B 81 -18.30 -12.30 -2.15
N ALA B 82 -17.66 -11.15 -2.36
CA ALA B 82 -16.57 -11.09 -3.33
C ALA B 82 -15.39 -11.94 -2.90
N ALA B 83 -15.06 -11.92 -1.60
CA ALA B 83 -13.87 -12.62 -1.14
C ALA B 83 -14.08 -14.13 -1.11
N LEU B 84 -15.23 -14.58 -0.64
CA LEU B 84 -15.47 -16.00 -0.39
C LEU B 84 -16.18 -16.71 -1.54
N PHE B 85 -17.25 -16.13 -2.05
CA PHE B 85 -18.01 -16.78 -3.12
C PHE B 85 -17.40 -16.53 -4.49
N LEU B 86 -16.83 -15.35 -4.73
CA LEU B 86 -16.26 -15.01 -6.01
C LEU B 86 -14.74 -15.12 -6.04
N ARG B 87 -14.09 -15.22 -4.88
CA ARG B 87 -12.65 -15.43 -4.80
C ARG B 87 -11.88 -14.30 -5.47
N HIS B 88 -12.28 -13.07 -5.18
CA HIS B 88 -11.54 -11.91 -5.65
C HIS B 88 -10.21 -11.80 -4.89
N SER B 89 -9.46 -10.74 -5.19
CA SER B 89 -8.13 -10.58 -4.65
C SER B 89 -8.09 -9.48 -3.59
N PRO B 90 -7.29 -9.63 -2.54
CA PRO B 90 -7.07 -8.51 -1.62
C PRO B 90 -6.34 -7.37 -2.31
N ILE B 91 -6.55 -6.17 -1.77
CA ILE B 91 -5.94 -4.98 -2.36
C ILE B 91 -4.42 -5.03 -2.23
N SER B 92 -3.92 -5.13 -1.00
CA SER B 92 -2.48 -5.09 -0.77
C SER B 92 -1.77 -6.22 -1.50
N TRP B 93 -2.46 -7.35 -1.74
CA TRP B 93 -1.83 -8.46 -2.41
C TRP B 93 -1.71 -8.22 -3.92
N LEU B 94 -2.81 -7.78 -4.55
CA LEU B 94 -2.75 -7.43 -5.96
C LEU B 94 -1.65 -6.42 -6.22
N LEU B 95 -1.56 -5.39 -5.39
CA LEU B 95 -0.50 -4.40 -5.54
C LEU B 95 0.87 -5.06 -5.53
N ARG B 96 1.06 -6.06 -4.66
CA ARG B 96 2.34 -6.75 -4.60
C ARG B 96 2.52 -7.70 -5.79
N THR B 97 1.45 -8.41 -6.16
CA THR B 97 1.54 -9.29 -7.33
C THR B 97 1.93 -8.50 -8.56
N THR B 98 1.36 -7.32 -8.74
CA THR B 98 1.67 -6.51 -9.92
C THR B 98 3.13 -6.08 -9.91
N LEU B 99 3.61 -5.57 -8.77
CA LEU B 99 5.01 -5.16 -8.67
C LEU B 99 5.97 -6.26 -9.07
N SER B 100 5.55 -7.52 -8.99
CA SER B 100 6.44 -8.65 -9.26
C SER B 100 6.28 -9.22 -10.66
N GLU B 101 5.08 -9.12 -11.25
CA GLU B 101 4.79 -9.78 -12.52
C GLU B 101 4.55 -8.83 -13.69
N ALA B 102 4.27 -7.57 -13.43
CA ALA B 102 4.03 -6.62 -14.53
C ALA B 102 5.34 -6.27 -15.22
N GLU B 103 5.29 -6.20 -16.55
CA GLU B 103 6.47 -6.00 -17.37
C GLU B 103 6.67 -4.55 -17.81
N SER B 104 5.73 -3.66 -17.52
CA SER B 104 5.82 -2.29 -17.97
C SER B 104 4.77 -1.46 -17.24
N PHE B 105 4.97 -0.15 -17.24
CA PHE B 105 3.98 0.75 -16.68
C PHE B 105 2.61 0.50 -17.28
N GLU B 106 2.55 0.31 -18.60
CA GLU B 106 1.28 0.04 -19.25
C GLU B 106 0.67 -1.26 -18.72
N ALA B 107 1.49 -2.32 -18.63
CA ALA B 107 1.00 -3.60 -18.15
C ALA B 107 0.51 -3.51 -16.72
N ALA B 108 1.25 -2.79 -15.87
CA ALA B 108 0.82 -2.64 -14.48
C ALA B 108 -0.51 -1.92 -14.38
N VAL B 109 -0.66 -0.81 -15.12
CA VAL B 109 -1.91 -0.07 -15.08
C VAL B 109 -3.07 -0.93 -15.54
N TYR B 110 -2.80 -1.90 -16.42
CA TYR B 110 -3.85 -2.81 -16.86
C TYR B 110 -4.26 -3.74 -15.74
N ARG B 111 -3.29 -4.39 -15.09
CA ARG B 111 -3.59 -5.32 -14.00
C ARG B 111 -4.30 -4.61 -12.86
N LEU B 112 -3.76 -3.49 -12.40
CA LEU B 112 -4.34 -2.78 -11.26
C LEU B 112 -5.74 -2.26 -11.54
N ALA B 113 -6.12 -2.15 -12.81
CA ALA B 113 -7.43 -1.60 -13.17
C ALA B 113 -8.49 -2.67 -13.40
N LYS B 114 -8.12 -3.80 -14.02
CA LYS B 114 -9.11 -4.80 -14.44
C LYS B 114 -9.17 -6.02 -13.53
N THR B 115 -8.21 -6.22 -12.64
CA THR B 115 -8.25 -7.38 -11.77
C THR B 115 -9.33 -7.20 -10.70
N PRO B 116 -10.23 -8.16 -10.50
CA PRO B 116 -11.28 -7.98 -9.50
C PRO B 116 -10.72 -7.90 -8.09
N LEU B 117 -11.45 -7.18 -7.22
CA LEU B 117 -11.00 -6.91 -5.87
C LEU B 117 -12.10 -7.26 -4.87
N ILE B 118 -11.69 -7.37 -3.60
CA ILE B 118 -12.63 -7.61 -2.52
C ILE B 118 -13.34 -6.31 -2.15
N ALA B 119 -12.62 -5.19 -2.20
CA ALA B 119 -13.21 -3.88 -1.93
C ALA B 119 -12.57 -2.86 -2.86
N ASP B 120 -13.13 -1.65 -2.86
CA ASP B 120 -12.63 -0.60 -3.73
C ASP B 120 -11.32 -0.04 -3.19
N VAL B 121 -10.62 0.70 -4.05
CA VAL B 121 -9.33 1.28 -3.70
C VAL B 121 -8.97 2.33 -4.73
N TYR B 122 -7.98 3.16 -4.41
CA TYR B 122 -7.36 4.07 -5.36
C TYR B 122 -5.93 3.61 -5.61
N TYR B 123 -5.63 3.25 -6.85
CA TYR B 123 -4.28 2.86 -7.24
C TYR B 123 -3.64 4.03 -7.99
N ILE B 124 -2.46 4.44 -7.53
CA ILE B 124 -1.70 5.53 -8.13
C ILE B 124 -0.42 4.93 -8.71
N VAL B 125 -0.24 5.09 -10.02
CA VAL B 125 0.88 4.47 -10.71
C VAL B 125 1.72 5.56 -11.37
N GLY B 126 3.04 5.39 -11.30
CA GLY B 126 3.96 6.28 -11.98
C GLY B 126 4.92 5.47 -12.85
N GLY B 127 5.49 6.15 -13.84
CA GLY B 127 6.31 5.47 -14.83
C GLY B 127 7.72 6.00 -14.94
N THR B 128 8.44 5.53 -15.95
CA THR B 128 9.81 5.96 -16.23
C THR B 128 9.92 6.92 -17.41
N ASN B 129 8.81 7.15 -18.11
CA ASN B 129 8.78 8.06 -19.25
C ASN B 129 7.81 9.19 -18.99
N PRO B 130 7.97 10.34 -19.64
CA PRO B 130 7.08 11.47 -19.39
C PRO B 130 5.62 11.13 -19.62
N ARG B 131 4.75 11.80 -18.87
CA ARG B 131 3.29 11.67 -18.94
C ARG B 131 2.80 10.32 -18.43
N GLU B 132 3.68 9.45 -17.92
CA GLU B 132 3.27 8.16 -17.37
C GLU B 132 2.88 8.38 -15.92
N GLY B 133 1.59 8.63 -15.69
CA GLY B 133 1.05 8.81 -14.37
C GLY B 133 -0.47 8.76 -14.39
N VAL B 134 -1.08 7.90 -13.57
CA VAL B 134 -2.52 7.73 -13.53
C VAL B 134 -2.98 7.54 -12.10
N VAL B 135 -4.29 7.73 -11.90
CA VAL B 135 -4.94 7.49 -10.62
C VAL B 135 -6.14 6.61 -10.93
N ILE B 136 -6.04 5.31 -10.62
CA ILE B 136 -7.05 4.34 -10.98
C ILE B 136 -8.06 4.26 -9.85
N THR B 137 -9.26 4.79 -10.08
CA THR B 137 -10.37 4.63 -9.14
C THR B 137 -11.04 3.31 -9.42
N ARG B 138 -11.05 2.42 -8.42
CA ARG B 138 -11.43 1.02 -8.61
C ARG B 138 -12.81 0.76 -8.04
N ASN B 139 -13.70 0.25 -8.88
CA ASN B 139 -14.82 -0.54 -8.41
C ASN B 139 -14.37 -1.97 -8.19
N ARG B 140 -15.20 -2.75 -7.49
CA ARG B 140 -14.81 -4.11 -7.16
C ARG B 140 -14.62 -4.95 -8.41
N ASP B 141 -15.47 -4.76 -9.42
CA ASP B 141 -15.43 -5.58 -10.62
C ASP B 141 -14.60 -4.97 -11.74
N GLY B 142 -14.19 -3.71 -11.61
CA GLY B 142 -13.41 -3.07 -12.65
C GLY B 142 -13.13 -1.62 -12.33
N PRO B 143 -12.55 -0.90 -13.30
CA PRO B 143 -12.17 0.50 -13.06
C PRO B 143 -13.37 1.43 -13.16
N ALA B 144 -13.52 2.30 -12.17
CA ALA B 144 -14.57 3.31 -12.20
C ALA B 144 -14.14 4.58 -12.93
N ASP B 145 -12.84 4.82 -13.03
CA ASP B 145 -12.31 5.98 -13.71
C ASP B 145 -10.79 5.94 -13.71
N ILE B 146 -10.16 6.36 -14.80
CA ILE B 146 -8.72 6.50 -14.88
C ILE B 146 -8.42 7.97 -15.13
N TRP B 147 -7.48 8.51 -14.35
CA TRP B 147 -7.20 9.95 -14.32
C TRP B 147 -5.76 10.17 -14.78
N PRO B 148 -5.54 10.59 -16.04
CA PRO B 148 -4.17 10.61 -16.56
C PRO B 148 -3.47 11.95 -16.44
N LEU B 149 -2.14 11.92 -16.35
CA LEU B 149 -1.37 13.15 -16.40
C LEU B 149 -1.51 13.81 -17.76
N ASP B 150 -1.46 15.15 -17.76
CA ASP B 150 -1.55 15.92 -19.00
C ASP B 150 -0.78 17.22 -18.81
N PRO B 151 0.56 17.16 -18.86
CA PRO B 151 1.35 18.37 -18.62
C PRO B 151 1.09 19.47 -19.64
N LEU B 152 0.96 19.12 -20.92
CA LEU B 152 0.74 20.13 -21.94
C LEU B 152 -0.59 20.84 -21.75
N LYS B 153 -1.56 20.23 -21.07
CA LYS B 153 -2.81 20.87 -20.74
C LYS B 153 -2.77 21.57 -19.39
N GLY B 154 -1.61 21.58 -18.73
CA GLY B 154 -1.47 22.26 -17.45
C GLY B 154 -1.58 21.36 -16.24
N VAL B 155 -1.90 20.09 -16.42
CA VAL B 155 -2.02 19.14 -15.31
C VAL B 155 -0.69 18.38 -15.27
N TRP B 156 0.22 18.84 -14.42
CA TRP B 156 1.52 18.20 -14.23
C TRP B 156 1.60 17.41 -12.94
N PHE B 157 0.50 17.31 -12.19
CA PHE B 157 0.50 16.54 -10.96
C PHE B 157 -0.91 16.03 -10.69
N LEU B 158 -0.99 14.85 -10.09
CA LEU B 158 -2.25 14.26 -9.63
C LEU B 158 -2.18 14.07 -8.13
N VAL B 159 -3.17 14.59 -7.41
CA VAL B 159 -3.25 14.47 -5.96
C VAL B 159 -4.49 13.64 -5.63
N GLU B 160 -4.29 12.55 -4.91
CA GLU B 160 -5.38 11.67 -4.49
C GLU B 160 -5.26 11.44 -2.99
N THR B 161 -6.37 11.66 -2.27
CA THR B 161 -6.42 11.39 -0.84
C THR B 161 -7.29 10.17 -0.64
N ASN B 162 -8.58 10.33 -0.31
CA ASN B 162 -9.47 9.18 -0.13
C ASN B 162 -10.85 9.48 -0.71
N TYR B 163 -10.92 10.38 -1.69
CA TYR B 163 -12.19 10.80 -2.27
C TYR B 163 -12.05 10.91 -3.77
N ASP B 164 -13.15 10.65 -4.48
CA ASP B 164 -13.15 10.73 -5.93
C ASP B 164 -12.78 12.14 -6.38
N HIS B 165 -11.94 12.23 -7.41
CA HIS B 165 -11.38 13.52 -7.81
C HIS B 165 -12.36 14.37 -8.58
N TRP B 166 -13.41 13.80 -9.16
CA TRP B 166 -14.44 14.59 -9.82
C TRP B 166 -15.48 15.13 -8.85
N LYS B 167 -15.19 15.15 -7.57
CA LYS B 167 -16.05 15.74 -6.55
C LYS B 167 -15.17 16.43 -5.53
N PRO B 168 -15.71 17.41 -4.81
CA PRO B 168 -14.88 18.16 -3.85
C PRO B 168 -14.65 17.38 -2.57
N ALA B 169 -13.46 17.52 -2.02
CA ALA B 169 -13.13 16.85 -0.77
C ALA B 169 -14.01 17.38 0.35
N PRO B 170 -14.47 16.54 1.27
CA PRO B 170 -15.33 17.03 2.35
C PRO B 170 -14.63 18.09 3.21
N GLU B 171 -15.44 18.94 3.83
CA GLU B 171 -14.89 20.00 4.67
C GLU B 171 -14.14 19.41 5.86
N GLU B 172 -14.66 18.34 6.44
CA GLU B 172 -14.03 17.74 7.61
C GLU B 172 -12.60 17.32 7.31
N ASP B 173 -12.38 16.66 6.18
CA ASP B 173 -11.08 16.12 5.80
C ASP B 173 -10.80 16.55 4.36
N ASP B 174 -10.14 17.70 4.21
CA ASP B 174 -9.78 18.24 2.89
C ASP B 174 -8.26 18.40 2.85
N ARG B 175 -7.55 17.28 2.81
CA ARG B 175 -6.10 17.29 2.63
C ARG B 175 -5.70 17.47 1.17
N ARG B 176 -6.66 17.55 0.25
CA ARG B 176 -6.34 17.74 -1.15
C ARG B 176 -5.92 19.19 -1.43
N THR B 177 -6.71 20.15 -0.92
CA THR B 177 -6.40 21.56 -1.17
C THR B 177 -5.01 21.94 -0.70
N PRO B 178 -4.64 21.76 0.57
CA PRO B 178 -3.29 22.14 0.99
C PRO B 178 -2.20 21.38 0.25
N ALA B 179 -2.50 20.19 -0.26
CA ALA B 179 -1.54 19.47 -1.09
C ALA B 179 -1.43 20.10 -2.47
N ILE B 180 -2.57 20.44 -3.07
CA ILE B 180 -2.56 21.18 -4.33
C ILE B 180 -1.94 22.55 -4.12
N LYS B 181 -2.32 23.23 -3.04
CA LYS B 181 -1.81 24.57 -2.75
C LYS B 181 -0.29 24.56 -2.70
N ALA B 182 0.30 23.58 -2.00
CA ALA B 182 1.74 23.52 -1.89
C ALA B 182 2.39 23.14 -3.22
N LEU B 183 1.70 22.34 -4.03
CA LEU B 183 2.23 21.99 -5.35
C LEU B 183 2.10 23.14 -6.34
N ASN B 184 0.95 23.82 -6.33
CA ASN B 184 0.77 24.99 -7.18
C ASN B 184 1.91 25.99 -6.97
N ALA B 185 2.38 26.13 -5.73
CA ALA B 185 3.42 27.09 -5.40
C ALA B 185 4.81 26.52 -5.61
N THR B 186 5.00 25.21 -5.46
CA THR B 186 6.32 24.63 -5.66
C THR B 186 6.79 24.83 -7.09
N GLY B 187 5.88 24.72 -8.05
CA GLY B 187 6.22 24.92 -9.44
C GLY B 187 6.84 23.71 -10.11
N GLN B 188 6.37 23.41 -11.32
CA GLN B 188 6.89 22.27 -12.07
C GLN B 188 8.39 22.37 -12.31
N ALA B 189 8.97 23.55 -12.12
CA ALA B 189 10.41 23.70 -12.32
C ALA B 189 11.21 23.24 -11.11
N LYS B 190 10.65 23.38 -9.91
CA LYS B 190 11.35 23.06 -8.68
C LYS B 190 11.04 21.67 -8.15
N LEU B 191 10.18 20.92 -8.84
CA LEU B 191 9.75 19.62 -8.31
C LEU B 191 10.90 18.63 -8.28
N SER B 192 11.05 17.95 -7.16
CA SER B 192 12.03 16.88 -7.00
C SER B 192 11.61 16.04 -5.80
N LEU B 193 12.35 14.95 -5.56
CA LEU B 193 12.05 14.13 -4.39
C LEU B 193 12.19 14.93 -3.11
N GLU B 194 13.22 15.76 -3.02
CA GLU B 194 13.40 16.59 -1.83
C GLU B 194 12.22 17.54 -1.63
N THR B 195 11.78 18.18 -2.72
CA THR B 195 10.66 19.11 -2.62
C THR B 195 9.36 18.38 -2.42
N LEU B 196 9.15 17.27 -3.14
CA LEU B 196 7.91 16.53 -3.02
C LEU B 196 7.74 15.97 -1.61
N PHE B 197 8.85 15.71 -0.91
CA PHE B 197 8.76 15.32 0.49
C PHE B 197 8.24 16.46 1.35
N GLN B 198 8.72 17.68 1.09
CA GLN B 198 8.25 18.84 1.86
C GLN B 198 6.79 19.14 1.56
N VAL B 199 6.30 18.77 0.37
CA VAL B 199 4.88 18.93 0.08
C VAL B 199 4.06 18.04 1.01
N LEU B 200 4.43 16.77 1.12
CA LEU B 200 3.74 15.85 2.00
C LEU B 200 4.01 16.12 3.47
N SER B 201 5.02 16.93 3.78
CA SER B 201 5.30 17.33 5.16
C SER B 201 4.45 18.52 5.60
N VAL B 202 3.46 18.91 4.80
CA VAL B 202 2.58 20.03 5.12
C VAL B 202 1.39 19.52 5.92
N VAL B 203 0.91 20.35 6.83
CA VAL B 203 -0.27 20.04 7.62
C VAL B 203 -1.50 20.54 6.87
N PRO B 204 -2.61 19.76 6.88
CA PRO B 204 -2.85 18.46 7.51
C PRO B 204 -2.56 17.27 6.61
N VAL B 205 -1.84 17.48 5.51
CA VAL B 205 -1.36 16.35 4.73
C VAL B 205 -0.45 15.49 5.61
N TYR B 206 0.33 16.13 6.47
CA TYR B 206 1.15 15.48 7.48
C TYR B 206 0.47 15.73 8.82
N ASN B 207 -0.30 14.76 9.28
CA ASN B 207 -1.16 14.92 10.45
C ASN B 207 -0.71 13.97 11.56
N ASN B 208 -1.52 13.90 12.63
CA ASN B 208 -1.17 13.09 13.78
C ASN B 208 -1.09 11.61 13.43
N TYR B 209 -1.87 11.16 12.45
CA TYR B 209 -1.96 9.74 12.13
C TYR B 209 -0.93 9.29 11.11
N THR B 210 -0.20 10.20 10.48
CA THR B 210 0.80 9.81 9.49
C THR B 210 1.85 8.92 10.14
N ILE B 211 2.16 7.80 9.47
CA ILE B 211 3.12 6.83 9.98
C ILE B 211 4.43 6.89 9.22
N TYR B 212 4.38 6.99 7.90
CA TYR B 212 5.60 7.10 7.10
C TYR B 212 5.28 7.80 5.80
N THR B 213 6.30 8.48 5.26
CA THR B 213 6.22 9.17 3.98
C THR B 213 7.26 8.56 3.04
N THR B 214 6.82 8.21 1.84
CA THR B 214 7.68 7.62 0.82
C THR B 214 7.69 8.51 -0.41
N VAL B 215 8.88 8.78 -0.94
CA VAL B 215 9.06 9.44 -2.22
C VAL B 215 9.95 8.57 -3.09
N MET B 216 9.57 8.43 -4.35
CA MET B 216 10.23 7.46 -5.21
C MET B 216 10.08 7.88 -6.67
N SER B 217 10.98 7.39 -7.50
CA SER B 217 10.94 7.62 -8.94
C SER B 217 11.38 6.33 -9.63
N ALA B 218 10.51 5.78 -10.49
CA ALA B 218 10.77 4.49 -11.08
C ALA B 218 12.08 4.47 -11.86
N ALA B 219 12.43 5.59 -12.50
CA ALA B 219 13.66 5.66 -13.28
C ALA B 219 14.88 5.93 -12.41
N SER B 220 14.70 6.32 -11.15
CA SER B 220 15.78 6.51 -10.20
C SER B 220 15.52 5.61 -8.99
N PRO B 221 15.69 4.30 -9.15
CA PRO B 221 15.31 3.39 -8.05
C PRO B 221 16.17 3.57 -6.81
N ASP B 222 17.47 3.84 -6.97
CA ASP B 222 18.35 4.00 -5.82
C ASP B 222 17.95 5.16 -4.92
N LYS B 223 17.04 6.02 -5.36
CA LYS B 223 16.58 7.15 -4.57
C LYS B 223 15.35 6.82 -3.73
N TYR B 224 14.91 5.56 -3.72
CA TYR B 224 13.78 5.16 -2.89
C TYR B 224 14.01 5.57 -1.45
N MET B 225 13.11 6.41 -0.92
CA MET B 225 13.31 7.02 0.38
C MET B 225 12.01 6.93 1.18
N THR B 226 12.09 6.28 2.35
CA THR B 226 10.99 6.25 3.30
C THR B 226 11.47 6.86 4.62
N ARG B 227 10.57 7.57 5.29
CA ARG B 227 10.90 8.26 6.54
C ARG B 227 9.75 8.10 7.52
N ILE B 228 10.03 7.46 8.65
CA ILE B 228 9.03 7.32 9.69
C ILE B 228 8.77 8.69 10.31
N ARG B 229 7.50 8.99 10.56
CA ARG B 229 7.08 10.29 11.04
C ARG B 229 6.63 10.19 12.49
N ASN B 230 7.27 10.94 13.37
CA ASN B 230 6.94 10.99 14.79
C ASN B 230 6.39 12.36 15.12
N PRO B 231 5.07 12.60 14.98
CA PRO B 231 4.47 13.89 15.30
C PRO B 231 4.18 14.06 16.79
C1 NAG C . 20.08 -7.53 0.02
C2 NAG C . 21.15 -7.24 1.11
C3 NAG C . 22.39 -6.59 0.50
C4 NAG C . 22.89 -7.37 -0.70
C5 NAG C . 21.77 -7.53 -1.70
C6 NAG C . 22.16 -8.33 -2.93
C7 NAG C . 20.96 -6.48 3.43
C8 NAG C . 20.29 -5.51 4.37
N2 NAG C . 20.59 -6.40 2.16
O3 NAG C . 23.41 -6.52 1.49
O4 NAG C . 23.98 -6.68 -1.31
O5 NAG C . 20.69 -8.23 -1.07
O6 NAG C . 23.50 -8.08 -3.31
O7 NAG C . 21.80 -7.29 3.83
H1 NAG C . 19.71 -6.69 -0.29
H2 NAG C . 21.42 -8.09 1.51
H3 NAG C . 22.16 -5.68 0.21
H4 NAG C . 23.19 -8.25 -0.41
H5 NAG C . 21.46 -6.65 -1.99
H61 NAG C . 21.56 -8.10 -3.67
H62 NAG C . 22.06 -9.28 -2.73
H81 NAG C . 19.33 -5.67 4.35
H82 NAG C . 20.47 -4.60 4.08
H83 NAG C . 20.62 -5.65 5.27
HN2 NAG C . 19.98 -5.77 1.91
HO3 NAG C . 23.62 -7.34 1.76
HO4 NAG C . 24.64 -6.60 -0.72
HO6 NAG C . 24.05 -8.66 -2.90
C1 NAG D . 3.11 -21.07 22.14
C2 NAG D . 3.10 -20.68 23.62
C3 NAG D . 2.63 -21.85 24.48
C4 NAG D . 1.29 -22.37 23.98
C5 NAG D . 1.36 -22.67 22.48
C6 NAG D . 0.03 -23.07 21.89
C7 NAG D . 4.82 -18.96 23.98
C8 NAG D . 6.21 -18.68 24.46
N2 NAG D . 4.42 -20.24 24.05
O3 NAG D . 2.51 -21.43 25.83
O4 NAG D . 0.93 -23.55 24.69
O5 NAG D . 1.80 -21.52 21.76
O6 NAG D . -0.92 -22.00 22.00
O7 NAG D . 4.10 -18.07 23.55
H1 NAG D . 3.75 -21.80 22.01
H2 NAG D . 2.47 -19.93 23.74
H3 NAG D . 3.29 -22.57 24.43
H4 NAG D . 0.61 -21.69 24.13
H5 NAG D . 2.00 -23.41 22.34
H61 NAG D . -0.32 -23.85 22.37
H62 NAG D . 0.15 -23.28 20.95
H81 NAG D . 6.85 -19.19 23.93
H82 NAG D . 6.29 -18.94 25.41
H83 NAG D . 6.40 -17.73 24.38
HN2 NAG D . 5.01 -20.85 24.38
HO3 NAG D . 2.16 -22.09 26.32
HO4 NAG D . 0.20 -23.90 24.33
HO6 NAG D . -0.49 -21.24 22.09
CL CL E . 20.62 -12.52 8.87
CL CL F . -18.58 -20.91 17.24
CL CL G . 14.53 -3.23 14.55
CL CL H . 22.91 -8.96 13.74
C13 TON I . -14.83 -8.76 5.36
C14 TON I . -15.80 -7.91 5.90
C15 TON I . -17.00 -8.44 6.39
O1 TON I . -17.99 -7.58 6.94
C1 TON I . -18.64 -8.11 8.11
C2 TON I . -19.17 -6.96 8.99
O2 TON I . -20.01 -7.52 10.01
C3 TON I . -21.06 -6.67 10.45
C4 TON I . -22.00 -7.45 11.38
O3 TON I . -23.28 -6.85 11.36
C16 TON I . -17.21 -9.82 6.32
C17 TON I . -16.24 -10.65 5.77
C18 TON I . -15.04 -10.12 5.29
C5 TON I . -13.93 -11.06 4.68
C8 TON I . -13.43 -10.35 3.42
C7 TON I . -14.57 -12.36 4.18
C6 TON I . -12.65 -11.26 5.57
C9 TON I . -12.73 -11.97 6.99
C12 TON I . -13.55 -11.19 8.02
C11 TON I . -11.28 -12.02 7.52
C10 TON I . -13.20 -13.44 6.96
H13 TON I . -14.03 -8.39 5.04
H14 TON I . -15.66 -6.99 5.95
H11 TON I . -19.39 -8.67 7.83
H12 TON I . -18.01 -8.64 8.61
H21 TON I . -18.43 -6.50 9.40
H22 TON I . -19.69 -6.35 8.45
H31 TON I . -20.69 -5.91 10.94
H32 TON I . -21.55 -6.34 9.68
H41 TON I . -22.07 -8.37 11.07
H42 TON I . -21.65 -7.44 12.28
HO3 TON I . -23.59 -6.86 10.56
H162 TON I . -18.00 -10.18 6.64
H17 TON I . -16.38 -11.57 5.73
H81 TON I . -12.64 -9.83 3.62
H82 TON I . -14.12 -9.76 3.07
H83 TON I . -13.21 -11.02 2.74
H71 TON I . -14.86 -12.89 4.95
H72 TON I . -13.92 -12.86 3.66
H73 TON I . -15.35 -12.16 3.63
H61 TON I . -12.26 -10.39 5.72
H62 TON I . -12.01 -11.78 5.04
H121 TON I . -13.72 -11.75 8.79
H122 TON I . -14.38 -10.91 7.62
H123 TON I . -13.04 -10.40 8.29
H111 TON I . -11.16 -11.32 8.18
H112 TON I . -10.67 -11.87 6.78
H113 TON I . -11.11 -12.88 7.92
H101 TON I . -14.07 -13.49 6.53
H102 TON I . -13.27 -13.77 7.87
H103 TON I . -12.56 -13.96 6.47
C13 TON J . 6.88 -24.71 5.77
C14 TON J . 7.58 -25.16 4.65
C15 TON J . 8.69 -25.98 4.81
O1 TON J . 9.42 -26.45 3.67
C1 TON J . 9.77 -25.45 2.72
C2 TON J . 10.93 -25.95 1.84
O2 TON J . 10.41 -26.42 0.60
C3 TON J . 11.24 -26.17 -0.52
C4 TON J . 10.47 -26.53 -1.82
O3 TON J . 9.11 -26.70 -1.51
C16 TON J . 9.09 -26.34 6.08
C17 TON J . 8.40 -25.89 7.19
C18 TON J . 7.29 -25.06 7.06
C5 TON J . 6.50 -24.56 8.33
C8 TON J . 6.29 -25.78 9.23
C7 TON J . 5.10 -24.10 7.89
C6 TON J . 7.20 -23.29 8.98
C9 TON J . 7.92 -23.41 10.37
C12 TON J . 8.52 -22.04 10.68
C11 TON J . 9.07 -24.42 10.35
C10 TON J . 6.97 -23.70 11.54
H13 TON J . 6.14 -24.15 5.65
H14 TON J . 7.31 -24.90 3.79
H11 TON J . 9.00 -25.26 2.16
H12 TON J . 10.04 -24.65 3.19
H21 TON J . 11.56 -25.23 1.68
H22 TON J . 11.39 -26.68 2.30
H31 TON J . 11.48 -25.23 -0.54
H32 TON J . 12.04 -26.72 -0.47
H41 TON J . 10.58 -25.82 -2.46
H42 TON J . 10.83 -27.36 -2.18
HO3 TON J . 8.65 -26.14 -1.97
H162 TON J . 9.84 -26.90 6.20
H17 TON J . 8.68 -26.14 8.05
H81 TON J . 6.30 -26.58 8.69
H82 TON J . 5.43 -25.71 9.67
H83 TON J . 7.01 -25.81 9.88
H71 TON J . 5.17 -23.29 7.37
H72 TON J . 4.55 -23.95 8.68
H73 TON J . 4.69 -24.80 7.35
H61 TON J . 6.51 -22.61 9.06
H62 TON J . 7.84 -22.97 8.34
H121 TON J . 8.80 -22.01 11.60
H122 TON J . 7.84 -21.35 10.52
H123 TON J . 9.28 -21.88 10.09
H111 TON J . 9.05 -24.95 11.16
H112 TON J . 9.92 -23.94 10.30
H113 TON J . 8.99 -25.00 9.58
H101 TON J . 6.29 -23.01 11.59
H102 TON J . 7.48 -23.72 12.37
H103 TON J . 6.54 -24.57 11.41
CL CL K . -9.25 13.47 -3.28
CL CL L . 2.30 -8.42 -17.86
CL CL M . 15.66 13.55 5.28
CL CL N . 5.03 -12.41 -5.25
CL CL O . -19.66 -7.33 -6.67
CL CL P . -19.04 -3.60 -7.37
CL CL Q . 9.27 14.29 11.28
CL CL R . 5.63 16.17 -21.69
N01 HJA S . -7.88 7.74 6.59
C02 HJA S . -7.16 6.50 6.79
C03 HJA S . -6.62 5.97 5.46
N04 HJA S . -6.50 4.52 5.55
C05 HJA S . -6.25 3.74 4.32
O06 HJA S . -6.28 4.26 3.25
O07 HJA S . -5.92 2.36 4.43
C08 HJA S . -4.53 2.13 4.32
C09 HJA S . -4.26 0.71 4.89
C18 HJA S . -5.26 6.59 5.19
O20 HJA S . -5.05 7.67 5.62
C10 HJA S . -3.15 0.71 5.98
C11 HJA S . -2.16 -0.48 5.80
C12 HJA S . -2.34 -1.63 6.83
C13 HJA S . -1.96 -1.14 8.23
C14 HJA S . -1.90 -2.32 9.22
C15 HJA S . -2.92 -3.39 8.87
C16 HJA S . -4.13 -2.86 8.11
C17 HJA S . -3.78 -2.15 6.80
H012 HJA S . -7.63 8.11 5.81
H1 HJA S . -7.69 8.30 7.26
H021 HJA S . -6.42 6.65 7.40
H022 HJA S . -7.77 5.84 7.18
H031 HJA S . -7.24 6.20 4.75
H041 HJA S . -6.65 4.12 6.29
H082 HJA S . -4.04 2.79 4.83
H081 HJA S . -4.27 2.16 3.39
H092 HJA S . -3.97 0.13 4.16
H091 HJA S . -5.07 0.36 5.27
H101 HJA S . -3.57 0.64 6.86
H102 HJA S . -2.66 1.54 5.94
H112 HJA S . -1.25 -0.14 5.88
H111 HJA S . -2.27 -0.85 4.91
H121 HJA S . -1.75 -2.35 6.59
H132 HJA S . -2.61 -0.50 8.53
H131 HJA S . -1.08 -0.73 8.19
H141 HJA S . -1.02 -2.70 9.20
H142 HJA S . -2.08 -1.98 10.11
H152 HJA S . -2.49 -4.08 8.33
H151 HJA S . -3.24 -3.81 9.69
H161 HJA S . -4.73 -3.60 7.91
H162 HJA S . -4.61 -2.23 8.68
H172 HJA S . -4.38 -1.41 6.67
H171 HJA S . -3.87 -2.77 6.07
#